data_8WLJ
#
_entry.id   8WLJ
#
_cell.length_a   1.00
_cell.length_b   1.00
_cell.length_c   1.00
_cell.angle_alpha   90.00
_cell.angle_beta   90.00
_cell.angle_gamma   90.00
#
_symmetry.space_group_name_H-M   'P 1'
#
loop_
_entity.id
_entity.type
_entity.pdbx_description
1 polymer 'Synaptic vesicular amine transporter'
2 polymer nanobody
#
loop_
_entity_poly.entity_id
_entity_poly.type
_entity_poly.pdbx_seq_one_letter_code
_entity_poly.pdbx_strand_id
1 'polypeptide(L)'
;MALSELALVRWLQESRRSRKLILFIVFLALLLDNMLLTVVVPIIPSYLYSIKHEKNATEIQTARPVHTASISDSFQSIFS
YYDNSTMVTGNATRDLTLHQTATQHMVTNASAVPSDCPSEDKDLLNENVQVGLLFASKATVQLITNPFIGLLTNRIGYPI
PIFAGFCIMFVSTIMFAFSSSYAFLLIARSLQGIGSSCSSVAGMGMLASVYTDDEERGNVMGIALGGLAMGVLVGPPFGS
VLYEFVGKTAPFLVLAALVLLDGAIQLFVLQPSRVQPESQKGTPLTTLLKDPYILIAAGSICFANMGIAMLEPALPIWMM
ETMCSRKWQLGVAFLPASISYLIGTNIFGILAHKMGRWLCALLGMIIVGVSILCIPFAKNIYGLIAPNFGVGFAIGMVDS
SMMPIMGYLVDLRHVSVYGSVYAIADVAFCMGYAIGPSAGGAIAKAIGFPWLMTIIGIIDILFAPLCFFLRSPPSRLEEE
LRRRTEGGSSDLEVLFQ
;
A
2 'polypeptide(L)'
;MGSSEVQLQESGGGLVQPGGSLRLSCTASGVTISALNAMAMGWYRQAPGERRVMVAAVSERGNAMYRESVQGRFTVTRDF
TNKMVSLQMDNLKPEDTAVYYCHVLEDRVDSFHDYWGQGTQVTVSS
;
D
#
# COMPACT_ATOMS: atom_id res chain seq x y z
N TRP A 11 26.45 -1.90 23.54
CA TRP A 11 26.89 -2.73 22.43
C TRP A 11 26.75 -1.97 21.11
N LEU A 12 26.42 -2.69 20.04
CA LEU A 12 26.26 -2.07 18.73
C LEU A 12 25.08 -1.12 18.70
N GLN A 13 24.04 -1.39 19.51
CA GLN A 13 22.88 -0.50 19.60
C GLN A 13 22.52 -0.32 21.08
N GLU A 14 23.09 0.71 21.68
CA GLU A 14 22.68 1.09 23.04
C GLU A 14 21.26 1.63 23.03
N SER A 15 20.87 2.30 21.96
CA SER A 15 19.53 2.81 21.76
C SER A 15 19.26 2.77 20.27
N ARG A 16 18.25 3.54 19.81
CA ARG A 16 18.03 3.65 18.37
C ARG A 16 19.02 4.63 17.77
N ARG A 17 20.32 4.40 17.99
CA ARG A 17 21.34 5.26 17.39
C ARG A 17 21.29 5.19 15.88
N SER A 18 21.10 4.00 15.34
CA SER A 18 20.84 3.80 13.92
C SER A 18 19.37 3.42 13.75
N ARG A 19 18.64 4.19 12.95
CA ARG A 19 17.26 3.87 12.66
C ARG A 19 17.12 2.60 11.83
N LYS A 20 18.20 2.11 11.24
CA LYS A 20 18.18 0.84 10.52
C LYS A 20 17.96 -0.34 11.46
N LEU A 21 18.05 -0.12 12.77
CA LEU A 21 17.72 -1.18 13.73
C LEU A 21 16.25 -1.58 13.60
N ILE A 22 15.38 -0.61 13.33
CA ILE A 22 13.97 -0.91 13.09
C ILE A 22 13.82 -1.71 11.80
N LEU A 23 14.60 -1.38 10.78
CA LEU A 23 14.62 -2.17 9.56
C LEU A 23 14.97 -3.62 9.87
N PHE A 24 16.01 -3.83 10.69
CA PHE A 24 16.41 -5.19 11.05
C PHE A 24 15.31 -5.91 11.81
N ILE A 25 14.64 -5.19 12.73
CA ILE A 25 13.56 -5.79 13.50
C ILE A 25 12.46 -6.28 12.59
N VAL A 26 12.00 -5.40 11.67
CA VAL A 26 10.92 -5.79 10.76
C VAL A 26 11.37 -6.90 9.83
N PHE A 27 12.62 -6.83 9.36
CA PHE A 27 13.15 -7.85 8.47
C PHE A 27 13.08 -9.23 9.11
N LEU A 28 13.62 -9.34 10.32
CA LEU A 28 13.66 -10.65 10.95
C LEU A 28 12.27 -11.10 11.40
N ALA A 29 11.39 -10.15 11.75
CA ALA A 29 10.03 -10.52 12.10
C ALA A 29 9.31 -11.13 10.90
N LEU A 30 9.40 -10.50 9.74
CA LEU A 30 8.76 -11.06 8.55
C LEU A 30 9.42 -12.36 8.13
N LEU A 31 10.74 -12.44 8.26
CA LEU A 31 11.46 -13.70 8.01
C LEU A 31 10.86 -14.83 8.81
N LEU A 32 10.73 -14.63 10.13
CA LEU A 32 10.24 -15.70 10.99
C LEU A 32 8.77 -15.98 10.71
N ASP A 33 7.98 -14.95 10.40
CA ASP A 33 6.57 -15.17 10.13
C ASP A 33 6.38 -16.05 8.90
N ASN A 34 7.02 -15.71 7.78
CA ASN A 34 6.85 -16.54 6.59
C ASN A 34 7.55 -17.88 6.75
N MET A 35 8.57 -17.98 7.60
CA MET A 35 9.14 -19.29 7.90
C MET A 35 8.11 -20.18 8.59
N LEU A 36 7.40 -19.66 9.58
CA LEU A 36 6.31 -20.42 10.18
C LEU A 36 5.23 -20.74 9.15
N LEU A 37 4.92 -19.78 8.27
CA LEU A 37 3.89 -20.01 7.27
C LEU A 37 4.26 -21.15 6.33
N THR A 38 5.54 -21.29 5.99
CA THR A 38 5.92 -22.20 4.91
C THR A 38 6.30 -23.59 5.39
N VAL A 39 6.97 -23.71 6.54
CA VAL A 39 7.51 -24.99 6.98
C VAL A 39 6.40 -25.99 7.28
N VAL A 40 5.31 -25.54 7.90
CA VAL A 40 4.27 -26.45 8.34
C VAL A 40 3.47 -27.02 7.17
N VAL A 41 3.62 -26.44 5.97
CA VAL A 41 2.75 -26.81 4.85
C VAL A 41 2.91 -28.27 4.44
N PRO A 42 4.12 -28.79 4.19
CA PRO A 42 4.21 -30.23 3.86
C PRO A 42 4.09 -31.14 5.07
N ILE A 43 4.17 -30.59 6.28
CA ILE A 43 4.18 -31.43 7.47
C ILE A 43 2.76 -31.72 7.94
N ILE A 44 1.82 -30.80 7.68
CA ILE A 44 0.42 -31.03 8.06
C ILE A 44 -0.14 -32.32 7.47
N PRO A 45 -0.04 -32.57 6.15
CA PRO A 45 -0.68 -33.80 5.62
C PRO A 45 -0.10 -35.08 6.19
N SER A 46 1.20 -35.12 6.45
CA SER A 46 1.81 -36.34 6.99
C SER A 46 1.27 -36.65 8.38
N TYR A 47 1.23 -35.63 9.25
CA TYR A 47 0.67 -35.84 10.59
C TYR A 47 -0.80 -36.24 10.50
N LEU A 48 -1.56 -35.57 9.64
CA LEU A 48 -2.98 -35.85 9.54
C LEU A 48 -3.22 -37.29 9.07
N TYR A 49 -2.48 -37.72 8.04
CA TYR A 49 -2.66 -39.07 7.53
C TYR A 49 -2.23 -40.11 8.56
N SER A 50 -1.10 -39.87 9.24
CA SER A 50 -0.64 -40.83 10.25
C SER A 50 -1.63 -40.96 11.39
N ILE A 51 -2.18 -39.84 11.86
CA ILE A 51 -3.13 -39.88 12.97
C ILE A 51 -4.44 -40.51 12.52
N LYS A 52 -4.88 -40.22 11.29
CA LYS A 52 -6.11 -40.84 10.79
C LYS A 52 -5.96 -42.34 10.64
N HIS A 53 -4.80 -42.80 10.17
CA HIS A 53 -4.56 -44.24 10.11
C HIS A 53 -4.51 -44.85 11.51
N GLU A 54 -3.85 -44.18 12.45
CA GLU A 54 -3.78 -44.66 13.82
C GLU A 54 -4.84 -44.00 14.68
N ASP A 123 -19.72 -36.25 5.68
CA ASP A 123 -18.78 -35.49 6.49
C ASP A 123 -17.35 -35.74 6.04
N LEU A 124 -17.15 -36.82 5.29
CA LEU A 124 -15.82 -37.12 4.77
C LEU A 124 -15.38 -36.09 3.74
N LEU A 125 -16.33 -35.56 2.95
CA LEU A 125 -16.00 -34.46 2.05
C LEU A 125 -15.55 -33.24 2.82
N ASN A 126 -16.20 -32.96 3.96
CA ASN A 126 -15.73 -31.89 4.83
C ASN A 126 -14.33 -32.18 5.36
N GLU A 127 -14.09 -33.42 5.76
CA GLU A 127 -12.77 -33.82 6.25
C GLU A 127 -11.72 -33.82 5.14
N ASN A 128 -12.15 -33.74 3.89
CA ASN A 128 -11.20 -33.61 2.78
C ASN A 128 -10.93 -32.14 2.47
N VAL A 129 -11.97 -31.32 2.41
CA VAL A 129 -11.78 -29.89 2.12
C VAL A 129 -11.18 -29.16 3.30
N GLN A 130 -11.16 -29.78 4.49
CA GLN A 130 -10.50 -29.13 5.61
C GLN A 130 -9.01 -28.97 5.37
N VAL A 131 -8.44 -29.74 4.43
CA VAL A 131 -7.04 -29.56 4.06
C VAL A 131 -6.80 -28.15 3.55
N GLY A 132 -7.66 -27.68 2.64
CA GLY A 132 -7.60 -26.28 2.24
C GLY A 132 -8.06 -25.33 3.32
N LEU A 133 -8.95 -25.81 4.20
CA LEU A 133 -9.33 -24.99 5.35
C LEU A 133 -8.14 -24.66 6.23
N LEU A 134 -7.09 -25.50 6.22
CA LEU A 134 -5.85 -25.13 6.89
C LEU A 134 -5.36 -23.77 6.44
N PHE A 135 -5.12 -23.60 5.13
CA PHE A 135 -4.67 -22.31 4.62
C PHE A 135 -5.71 -21.23 4.90
N ALA A 136 -6.98 -21.56 4.69
CA ALA A 136 -8.04 -20.58 4.87
C ALA A 136 -8.08 -20.05 6.29
N SER A 137 -7.67 -20.86 7.27
CA SER A 137 -7.75 -20.43 8.66
C SER A 137 -6.80 -19.27 8.93
N LYS A 138 -5.51 -19.45 8.66
CA LYS A 138 -4.57 -18.35 8.83
C LYS A 138 -4.94 -17.17 7.95
N ALA A 139 -5.31 -17.43 6.70
CA ALA A 139 -5.60 -16.34 5.78
C ALA A 139 -6.75 -15.48 6.30
N THR A 140 -7.86 -16.11 6.68
CA THR A 140 -9.03 -15.38 7.16
C THR A 140 -8.76 -14.69 8.49
N VAL A 141 -8.02 -15.34 9.40
CA VAL A 141 -7.72 -14.69 10.67
C VAL A 141 -6.90 -13.43 10.45
N GLN A 142 -5.89 -13.51 9.59
CA GLN A 142 -5.13 -12.31 9.24
C GLN A 142 -6.04 -11.25 8.63
N LEU A 143 -6.87 -11.66 7.67
CA LEU A 143 -7.72 -10.72 6.95
C LEU A 143 -8.64 -9.97 7.91
N ILE A 144 -9.25 -10.69 8.84
CA ILE A 144 -10.14 -10.05 9.81
C ILE A 144 -9.36 -9.17 10.77
N THR A 145 -8.16 -9.61 11.16
CA THR A 145 -7.47 -8.96 12.28
C THR A 145 -6.76 -7.68 11.85
N ASN A 146 -6.41 -7.54 10.56
CA ASN A 146 -5.63 -6.36 10.14
C ASN A 146 -6.23 -5.00 10.54
N PRO A 147 -7.52 -4.71 10.26
CA PRO A 147 -8.02 -3.36 10.57
C PRO A 147 -8.03 -3.04 12.05
N PHE A 148 -8.32 -4.02 12.90
CA PHE A 148 -8.33 -3.77 14.34
C PHE A 148 -6.94 -3.41 14.83
N ILE A 149 -5.92 -4.11 14.35
CA ILE A 149 -4.55 -3.77 14.72
C ILE A 149 -4.18 -2.39 14.17
N GLY A 150 -4.65 -2.08 12.95
CA GLY A 150 -4.38 -0.77 12.40
C GLY A 150 -4.93 0.36 13.25
N LEU A 151 -6.16 0.19 13.74
CA LEU A 151 -6.72 1.16 14.68
C LEU A 151 -5.95 1.18 15.98
N LEU A 152 -5.57 0.00 16.49
CA LEU A 152 -4.95 -0.12 17.79
C LEU A 152 -3.60 0.60 17.84
N THR A 153 -2.85 0.54 16.74
CA THR A 153 -1.51 1.14 16.72
C THR A 153 -1.57 2.62 17.03
N ASN A 154 -2.41 3.37 16.32
CA ASN A 154 -2.51 4.79 16.65
C ASN A 154 -3.38 5.02 17.87
N ARG A 155 -4.13 4.01 18.33
CA ARG A 155 -4.87 4.16 19.57
C ARG A 155 -3.92 4.28 20.76
N ILE A 156 -2.93 3.38 20.87
CA ILE A 156 -2.06 3.39 22.04
C ILE A 156 -0.58 3.48 21.72
N GLY A 157 -0.12 3.08 20.55
CA GLY A 157 1.30 3.11 20.24
C GLY A 157 1.70 1.91 19.40
N TYR A 158 2.89 2.02 18.78
CA TYR A 158 3.37 0.99 17.87
C TYR A 158 4.06 -0.21 18.51
N PRO A 159 5.04 -0.04 19.42
CA PRO A 159 5.82 -1.21 19.85
C PRO A 159 5.01 -2.28 20.57
N ILE A 160 3.99 -1.90 21.35
CA ILE A 160 3.25 -2.88 22.13
C ILE A 160 2.52 -3.90 21.25
N PRO A 161 1.84 -3.52 20.16
CA PRO A 161 1.33 -4.56 19.26
C PRO A 161 2.41 -5.45 18.69
N ILE A 162 3.59 -4.91 18.37
CA ILE A 162 4.67 -5.74 17.86
C ILE A 162 5.05 -6.81 18.88
N PHE A 163 5.21 -6.39 20.14
CA PHE A 163 5.58 -7.35 21.18
C PHE A 163 4.48 -8.38 21.42
N ALA A 164 3.22 -7.94 21.41
CA ALA A 164 2.11 -8.88 21.62
C ALA A 164 2.04 -9.90 20.49
N GLY A 165 2.19 -9.44 19.24
CA GLY A 165 2.20 -10.37 18.12
C GLY A 165 3.38 -11.32 18.19
N PHE A 166 4.53 -10.82 18.62
CA PHE A 166 5.67 -11.69 18.92
C PHE A 166 5.30 -12.81 19.87
N CYS A 167 4.71 -12.45 21.01
CA CYS A 167 4.41 -13.45 22.03
C CYS A 167 3.37 -14.45 21.53
N ILE A 168 2.38 -13.97 20.78
CA ILE A 168 1.37 -14.86 20.22
C ILE A 168 1.99 -15.83 19.22
N MET A 169 2.87 -15.33 18.37
CA MET A 169 3.55 -16.20 17.41
C MET A 169 4.41 -17.23 18.12
N PHE A 170 5.11 -16.82 19.19
CA PHE A 170 5.93 -17.75 19.94
C PHE A 170 5.09 -18.85 20.58
N VAL A 171 3.95 -18.46 21.18
CA VAL A 171 3.08 -19.46 21.80
C VAL A 171 2.55 -20.42 20.75
N SER A 172 2.14 -19.90 19.59
CA SER A 172 1.66 -20.77 18.52
C SER A 172 2.76 -21.73 18.05
N THR A 173 3.98 -21.22 17.92
CA THR A 173 5.10 -22.04 17.44
C THR A 173 5.38 -23.16 18.42
N ILE A 174 5.38 -22.85 19.72
CA ILE A 174 5.51 -23.91 20.73
C ILE A 174 4.36 -24.89 20.61
N MET A 175 3.23 -24.42 20.12
CA MET A 175 2.07 -25.30 20.06
C MET A 175 2.13 -26.28 18.91
N PHE A 176 2.61 -25.85 17.76
CA PHE A 176 2.51 -26.70 16.62
C PHE A 176 3.17 -27.96 16.89
N ALA A 177 4.23 -27.96 17.62
CA ALA A 177 4.86 -29.23 17.73
C ALA A 177 4.29 -30.13 18.67
N PHE A 178 4.05 -29.70 19.89
CA PHE A 178 3.57 -30.66 20.83
C PHE A 178 2.29 -31.04 20.24
N SER A 179 1.75 -30.17 19.44
CA SER A 179 0.47 -30.42 18.91
C SER A 179 0.19 -31.70 18.21
N SER A 180 -1.02 -32.24 18.38
CA SER A 180 -1.43 -33.42 17.67
C SER A 180 -2.80 -33.23 17.15
N SER A 181 -3.76 -33.07 18.03
CA SER A 181 -5.16 -32.98 17.63
C SER A 181 -5.33 -31.94 16.53
N TYR A 182 -6.19 -32.26 15.57
CA TYR A 182 -6.45 -31.36 14.45
C TYR A 182 -7.03 -30.03 14.92
N ALA A 183 -8.05 -30.10 15.80
CA ALA A 183 -8.73 -28.90 16.27
C ALA A 183 -7.78 -27.97 17.02
N PHE A 184 -6.84 -28.52 17.78
CA PHE A 184 -5.81 -27.71 18.41
C PHE A 184 -4.81 -27.14 17.41
N LEU A 185 -4.49 -27.88 16.36
CA LEU A 185 -3.57 -27.37 15.34
C LEU A 185 -4.18 -26.16 14.63
N LEU A 186 -5.48 -26.22 14.35
CA LEU A 186 -6.14 -25.09 13.71
C LEU A 186 -6.13 -23.85 14.61
N ILE A 187 -6.35 -24.06 15.91
CA ILE A 187 -6.27 -22.94 16.86
C ILE A 187 -4.86 -22.38 16.87
N ALA A 188 -3.87 -23.26 16.84
CA ALA A 188 -2.48 -22.81 16.83
C ALA A 188 -2.18 -21.94 15.62
N ARG A 189 -2.61 -22.38 14.44
CA ARG A 189 -2.29 -21.61 13.25
C ARG A 189 -3.16 -20.35 13.16
N SER A 190 -4.32 -20.36 13.80
CA SER A 190 -5.09 -19.12 13.92
C SER A 190 -4.37 -18.09 14.77
N LEU A 191 -3.77 -18.53 15.88
CA LEU A 191 -2.94 -17.63 16.67
C LEU A 191 -1.74 -17.14 15.87
N GLN A 192 -1.14 -18.04 15.09
CA GLN A 192 -0.10 -17.63 14.14
C GLN A 192 -0.58 -16.53 13.22
N GLY A 193 -1.81 -16.63 12.71
CA GLY A 193 -2.34 -15.59 11.84
C GLY A 193 -2.55 -14.28 12.56
N ILE A 194 -3.02 -14.35 13.81
CA ILE A 194 -3.16 -13.14 14.62
C ILE A 194 -1.81 -12.43 14.73
N GLY A 195 -0.78 -13.19 15.09
CA GLY A 195 0.55 -12.61 15.22
C GLY A 195 1.08 -12.07 13.91
N SER A 196 0.84 -12.80 12.82
CA SER A 196 1.33 -12.38 11.50
C SER A 196 0.70 -11.05 11.09
N SER A 197 -0.62 -10.94 11.21
CA SER A 197 -1.29 -9.70 10.85
C SER A 197 -0.82 -8.55 11.73
N CYS A 198 -0.73 -8.80 13.03
CA CYS A 198 -0.33 -7.73 13.95
C CYS A 198 1.07 -7.23 13.64
N SER A 199 2.00 -8.15 13.37
CA SER A 199 3.35 -7.74 13.02
C SER A 199 3.37 -7.00 11.69
N SER A 200 2.75 -7.57 10.65
CA SER A 200 2.80 -6.97 9.33
C SER A 200 2.12 -5.60 9.28
N VAL A 201 1.24 -5.30 10.23
CA VAL A 201 0.69 -3.95 10.31
C VAL A 201 1.58 -3.04 11.14
N ALA A 202 1.88 -3.43 12.38
CA ALA A 202 2.54 -2.52 13.31
C ALA A 202 3.97 -2.23 12.87
N GLY A 203 4.74 -3.27 12.53
CA GLY A 203 6.11 -3.06 12.10
C GLY A 203 6.20 -2.23 10.84
N MET A 204 5.30 -2.52 9.87
CA MET A 204 5.30 -1.75 8.63
C MET A 204 4.97 -0.29 8.89
N GLY A 205 3.96 -0.04 9.72
CA GLY A 205 3.60 1.34 10.03
C GLY A 205 4.71 2.08 10.74
N MET A 206 5.36 1.43 11.71
CA MET A 206 6.46 2.07 12.42
C MET A 206 7.65 2.31 11.50
N LEU A 207 7.91 1.40 10.57
CA LEU A 207 8.96 1.61 9.58
C LEU A 207 8.65 2.81 8.72
N ALA A 208 7.38 2.96 8.32
CA ALA A 208 6.98 4.14 7.55
C ALA A 208 7.13 5.41 8.37
N SER A 209 6.74 5.36 9.64
CA SER A 209 6.75 6.56 10.49
C SER A 209 8.17 7.04 10.74
N VAL A 210 9.09 6.12 11.02
CA VAL A 210 10.46 6.54 11.31
C VAL A 210 11.14 7.07 10.04
N TYR A 211 10.78 6.54 8.88
CA TYR A 211 11.37 6.94 7.61
C TYR A 211 10.40 7.84 6.86
N THR A 212 10.43 9.13 7.17
CA THR A 212 9.55 10.07 6.50
C THR A 212 10.06 10.49 5.13
N ASP A 213 11.33 10.25 4.83
CA ASP A 213 11.86 10.57 3.51
C ASP A 213 11.38 9.55 2.49
N ASP A 214 10.97 10.05 1.31
CA ASP A 214 10.31 9.19 0.33
C ASP A 214 11.27 8.13 -0.21
N GLU A 215 12.45 8.55 -0.66
CA GLU A 215 13.39 7.59 -1.25
C GLU A 215 13.88 6.59 -0.22
N GLU A 216 14.18 7.06 0.99
CA GLU A 216 14.62 6.13 2.04
C GLU A 216 13.50 5.19 2.45
N ARG A 217 12.26 5.69 2.48
CA ARG A 217 11.13 4.82 2.79
C ARG A 217 10.97 3.73 1.73
N GLY A 218 11.10 4.10 0.45
CA GLY A 218 11.04 3.10 -0.60
C GLY A 218 12.14 2.06 -0.46
N ASN A 219 13.36 2.52 -0.16
CA ASN A 219 14.48 1.60 0.00
C ASN A 219 14.24 0.61 1.13
N VAL A 220 13.85 1.12 2.29
CA VAL A 220 13.70 0.24 3.45
C VAL A 220 12.52 -0.70 3.26
N MET A 221 11.46 -0.23 2.58
CA MET A 221 10.33 -1.11 2.31
C MET A 221 10.71 -2.20 1.33
N GLY A 222 11.51 -1.86 0.32
CA GLY A 222 12.02 -2.89 -0.57
C GLY A 222 12.86 -3.91 0.15
N ILE A 223 13.68 -3.47 1.10
CA ILE A 223 14.51 -4.40 1.87
C ILE A 223 13.63 -5.33 2.70
N ALA A 224 12.58 -4.79 3.34
CA ALA A 224 11.69 -5.62 4.13
C ALA A 224 10.96 -6.65 3.26
N LEU A 225 10.47 -6.22 2.09
CA LEU A 225 9.84 -7.17 1.19
C LEU A 225 10.84 -8.22 0.69
N GLY A 226 12.09 -7.83 0.48
CA GLY A 226 13.11 -8.80 0.14
C GLY A 226 13.32 -9.80 1.25
N GLY A 227 13.23 -9.36 2.50
CA GLY A 227 13.28 -10.30 3.61
C GLY A 227 12.12 -11.28 3.58
N LEU A 228 10.92 -10.78 3.27
CA LEU A 228 9.77 -11.67 3.12
C LEU A 228 10.03 -12.72 2.04
N ALA A 229 10.53 -12.29 0.89
CA ALA A 229 10.76 -13.21 -0.22
C ALA A 229 11.85 -14.21 0.12
N MET A 230 12.93 -13.75 0.76
CA MET A 230 13.99 -14.67 1.15
C MET A 230 13.51 -15.68 2.17
N GLY A 231 12.61 -15.27 3.07
CA GLY A 231 12.04 -16.22 4.01
C GLY A 231 11.22 -17.29 3.31
N VAL A 232 10.35 -16.87 2.38
CA VAL A 232 9.50 -17.85 1.72
C VAL A 232 10.34 -18.73 0.79
N LEU A 233 11.51 -18.26 0.36
CA LEU A 233 12.42 -19.11 -0.40
C LEU A 233 13.11 -20.13 0.49
N VAL A 234 13.58 -19.71 1.66
CA VAL A 234 14.40 -20.59 2.49
C VAL A 234 13.55 -21.61 3.26
N GLY A 235 12.29 -21.29 3.52
CA GLY A 235 11.42 -22.12 4.34
C GLY A 235 11.43 -23.63 4.10
N PRO A 236 11.04 -24.07 2.91
CA PRO A 236 10.77 -25.51 2.69
C PRO A 236 11.99 -26.39 2.93
N PRO A 237 13.16 -26.10 2.32
CA PRO A 237 14.31 -26.99 2.61
C PRO A 237 14.74 -26.95 4.05
N PHE A 238 14.64 -25.78 4.70
CA PHE A 238 15.00 -25.65 6.10
C PHE A 238 14.13 -26.57 6.96
N GLY A 239 12.82 -26.59 6.69
CA GLY A 239 11.97 -27.52 7.41
C GLY A 239 12.27 -28.97 7.06
N SER A 240 12.43 -29.26 5.78
CA SER A 240 12.50 -30.65 5.33
C SER A 240 13.77 -31.34 5.82
N VAL A 241 14.91 -30.65 5.78
CA VAL A 241 16.16 -31.29 6.17
C VAL A 241 16.12 -31.69 7.64
N LEU A 242 15.69 -30.75 8.50
CA LEU A 242 15.62 -31.06 9.93
C LEU A 242 14.57 -32.12 10.22
N TYR A 243 13.43 -32.06 9.52
CA TYR A 243 12.39 -33.07 9.76
C TYR A 243 12.87 -34.46 9.38
N GLU A 244 13.57 -34.59 8.25
CA GLU A 244 14.09 -35.89 7.84
C GLU A 244 15.29 -36.31 8.66
N PHE A 245 15.96 -35.38 9.35
CA PHE A 245 17.12 -35.76 10.12
C PHE A 245 16.76 -36.26 11.52
N VAL A 246 15.91 -35.52 12.24
CA VAL A 246 15.57 -35.84 13.63
C VAL A 246 14.15 -36.36 13.74
N GLY A 247 13.17 -35.56 13.39
CA GLY A 247 11.80 -36.01 13.47
C GLY A 247 10.82 -34.84 13.58
N LYS A 248 9.87 -34.99 14.51
CA LYS A 248 8.70 -34.12 14.53
C LYS A 248 9.05 -32.72 15.02
N THR A 249 9.53 -32.62 16.26
CA THR A 249 9.66 -31.32 16.92
C THR A 249 10.92 -30.56 16.52
N ALA A 250 11.80 -31.18 15.73
CA ALA A 250 13.06 -30.54 15.37
C ALA A 250 12.90 -29.23 14.60
N PRO A 251 12.11 -29.15 13.52
CA PRO A 251 12.02 -27.86 12.83
C PRO A 251 11.31 -26.79 13.63
N PHE A 252 10.56 -27.19 14.66
CA PHE A 252 9.73 -26.23 15.38
C PHE A 252 10.46 -25.67 16.59
N LEU A 253 11.18 -26.51 17.34
CA LEU A 253 11.83 -26.03 18.56
C LEU A 253 12.92 -25.02 18.26
N VAL A 254 13.80 -25.31 17.29
CA VAL A 254 14.87 -24.37 16.97
C VAL A 254 14.30 -23.10 16.37
N LEU A 255 13.20 -23.22 15.61
CA LEU A 255 12.56 -22.05 15.04
C LEU A 255 11.99 -21.16 16.15
N ALA A 256 11.37 -21.79 17.16
CA ALA A 256 10.91 -21.04 18.33
C ALA A 256 12.06 -20.42 19.10
N ALA A 257 13.20 -21.10 19.15
CA ALA A 257 14.37 -20.52 19.80
C ALA A 257 14.84 -19.28 19.06
N LEU A 258 14.81 -19.31 17.73
CA LEU A 258 15.13 -18.11 16.96
C LEU A 258 14.10 -17.01 17.23
N VAL A 259 12.84 -17.38 17.41
CA VAL A 259 11.82 -16.41 17.80
C VAL A 259 12.18 -15.79 19.14
N LEU A 260 12.60 -16.61 20.10
CA LEU A 260 13.00 -16.10 21.41
C LEU A 260 14.19 -15.16 21.30
N LEU A 261 15.13 -15.46 20.40
CA LEU A 261 16.24 -14.54 20.16
C LEU A 261 15.75 -13.21 19.61
N ASP A 262 14.78 -13.25 18.70
CA ASP A 262 14.16 -12.03 18.22
C ASP A 262 13.52 -11.25 19.36
N GLY A 263 12.84 -11.95 20.28
CA GLY A 263 12.23 -11.26 21.40
C GLY A 263 13.25 -10.65 22.35
N ALA A 264 14.36 -11.36 22.56
CA ALA A 264 15.44 -10.81 23.37
C ALA A 264 15.99 -9.53 22.75
N ILE A 265 16.09 -9.51 21.42
CA ILE A 265 16.49 -8.28 20.73
C ILE A 265 15.43 -7.20 20.94
N GLN A 266 14.17 -7.55 20.74
CA GLN A 266 13.08 -6.57 20.73
C GLN A 266 12.92 -5.90 22.09
N LEU A 267 13.04 -6.68 23.18
CA LEU A 267 12.75 -6.16 24.51
C LEU A 267 13.68 -5.01 24.87
N PHE A 268 14.90 -5.02 24.35
CA PHE A 268 15.81 -3.91 24.59
C PHE A 268 15.78 -2.88 23.48
N VAL A 269 15.50 -3.29 22.25
CA VAL A 269 15.48 -2.35 21.13
C VAL A 269 14.33 -1.37 21.26
N LEU A 270 13.12 -1.90 21.51
CA LEU A 270 11.95 -1.02 21.57
C LEU A 270 11.76 -0.46 22.97
N GLN A 271 11.80 -1.34 23.98
CA GLN A 271 11.57 -0.97 25.37
C GLN A 271 10.25 -0.21 25.56
N PRO A 272 9.12 -0.85 25.31
CA PRO A 272 7.82 -0.18 25.44
C PRO A 272 7.25 -0.23 26.86
N SER A 273 8.08 0.12 27.83
CA SER A 273 7.63 0.09 29.21
C SER A 273 6.71 1.25 29.58
N ARG A 274 6.22 2.01 28.60
CA ARG A 274 5.26 3.06 28.85
C ARG A 274 4.45 3.31 27.58
N VAL A 275 3.17 3.61 27.76
CA VAL A 275 2.28 3.84 26.63
C VAL A 275 2.63 5.16 25.96
N GLN A 276 2.53 5.19 24.63
CA GLN A 276 2.84 6.38 23.84
C GLN A 276 1.61 6.68 22.98
N PRO A 277 0.66 7.44 23.50
CA PRO A 277 -0.51 7.83 22.69
C PRO A 277 -0.07 8.67 21.50
N GLU A 278 -0.76 8.46 20.37
CA GLU A 278 -0.41 9.17 19.14
C GLU A 278 -0.74 10.65 19.26
N SER A 279 0.19 11.50 18.80
CA SER A 279 0.00 12.93 18.91
C SER A 279 -1.14 13.42 18.03
N GLN A 280 -1.27 12.87 16.82
CA GLN A 280 -2.26 13.31 15.85
C GLN A 280 -3.30 12.23 15.65
N LYS A 281 -4.56 12.63 15.67
CA LYS A 281 -5.66 11.70 15.41
C LYS A 281 -5.62 11.23 13.96
N GLY A 282 -6.03 9.99 13.76
CA GLY A 282 -5.99 9.34 12.46
C GLY A 282 -7.28 9.55 11.69
N THR A 283 -7.17 9.58 10.37
CA THR A 283 -8.35 9.68 9.53
C THR A 283 -9.22 8.44 9.68
N PRO A 284 -10.53 8.58 9.58
CA PRO A 284 -11.40 7.40 9.62
C PRO A 284 -11.10 6.45 8.48
N LEU A 285 -11.23 5.15 8.77
CA LEU A 285 -10.93 4.13 7.76
C LEU A 285 -11.90 4.21 6.59
N THR A 286 -13.15 4.60 6.84
CA THR A 286 -14.14 4.62 5.77
C THR A 286 -13.80 5.65 4.71
N THR A 287 -13.21 6.78 5.10
CA THR A 287 -12.79 7.79 4.12
C THR A 287 -11.69 7.26 3.23
N LEU A 288 -10.76 6.47 3.79
CA LEU A 288 -9.67 5.93 3.00
C LEU A 288 -10.19 5.02 1.89
N LEU A 289 -11.22 4.23 2.18
CA LEU A 289 -11.84 3.40 1.15
C LEU A 289 -12.58 4.22 0.11
N LYS A 290 -12.80 5.51 0.35
CA LYS A 290 -13.40 6.38 -0.64
C LYS A 290 -12.37 7.05 -1.55
N ASP A 291 -11.08 6.90 -1.26
CA ASP A 291 -10.05 7.52 -2.07
C ASP A 291 -9.72 6.63 -3.26
N PRO A 292 -9.91 7.10 -4.49
CA PRO A 292 -9.69 6.23 -5.66
C PRO A 292 -8.28 5.73 -5.81
N TYR A 293 -7.27 6.53 -5.45
CA TYR A 293 -5.90 6.15 -5.72
C TYR A 293 -5.43 5.07 -4.74
N ILE A 294 -5.84 5.18 -3.48
CA ILE A 294 -5.59 4.11 -2.53
C ILE A 294 -6.20 2.80 -3.02
N LEU A 295 -7.41 2.89 -3.57
CA LEU A 295 -8.07 1.70 -4.10
C LEU A 295 -7.31 1.14 -5.31
N ILE A 296 -6.80 2.02 -6.18
CA ILE A 296 -6.06 1.55 -7.35
C ILE A 296 -4.81 0.80 -6.91
N ALA A 297 -4.04 1.38 -5.99
CA ALA A 297 -2.82 0.73 -5.53
C ALA A 297 -3.14 -0.58 -4.81
N ALA A 298 -4.19 -0.58 -3.98
CA ALA A 298 -4.56 -1.80 -3.28
C ALA A 298 -4.99 -2.90 -4.24
N GLY A 299 -5.76 -2.55 -5.27
CA GLY A 299 -6.14 -3.54 -6.26
C GLY A 299 -4.97 -4.07 -7.05
N SER A 300 -4.01 -3.19 -7.36
CA SER A 300 -2.79 -3.63 -8.03
C SER A 300 -2.06 -4.67 -7.20
N ILE A 301 -1.84 -4.37 -5.92
CA ILE A 301 -1.16 -5.30 -5.03
C ILE A 301 -1.94 -6.61 -4.95
N CYS A 302 -3.27 -6.50 -4.82
CA CYS A 302 -4.10 -7.68 -4.62
C CYS A 302 -4.05 -8.61 -5.82
N PHE A 303 -4.19 -8.06 -7.03
CA PHE A 303 -4.16 -8.90 -8.21
C PHE A 303 -2.78 -9.48 -8.47
N ALA A 304 -1.72 -8.67 -8.27
CA ALA A 304 -0.38 -9.18 -8.50
C ALA A 304 -0.06 -10.33 -7.55
N ASN A 305 -0.48 -10.23 -6.30
CA ASN A 305 -0.21 -11.32 -5.37
C ASN A 305 -1.11 -12.52 -5.64
N MET A 306 -2.36 -12.27 -6.05
CA MET A 306 -3.26 -13.37 -6.39
C MET A 306 -2.72 -14.18 -7.55
N GLY A 307 -1.96 -13.56 -8.46
CA GLY A 307 -1.30 -14.31 -9.51
C GLY A 307 -0.51 -15.51 -8.99
N ILE A 308 0.54 -15.23 -8.21
CA ILE A 308 1.36 -16.32 -7.70
C ILE A 308 0.59 -17.17 -6.70
N ALA A 309 -0.36 -16.59 -5.96
CA ALA A 309 -1.12 -17.37 -5.00
C ALA A 309 -1.96 -18.44 -5.69
N MET A 310 -2.61 -18.08 -6.80
CA MET A 310 -3.36 -19.05 -7.58
C MET A 310 -2.42 -20.01 -8.29
N LEU A 311 -1.23 -19.54 -8.69
CA LEU A 311 -0.33 -20.38 -9.45
C LEU A 311 0.26 -21.50 -8.60
N GLU A 312 0.48 -21.23 -7.30
CA GLU A 312 1.10 -22.20 -6.41
C GLU A 312 0.42 -23.58 -6.38
N PRO A 313 -0.91 -23.70 -6.21
CA PRO A 313 -1.48 -25.05 -6.12
C PRO A 313 -1.53 -25.78 -7.45
N ALA A 314 -1.93 -25.10 -8.51
CA ALA A 314 -2.34 -25.80 -9.73
C ALA A 314 -1.18 -26.19 -10.64
N LEU A 315 0.01 -25.60 -10.43
CA LEU A 315 1.13 -25.97 -11.31
C LEU A 315 1.54 -27.43 -11.16
N PRO A 316 1.75 -27.98 -9.95
CA PRO A 316 2.16 -29.39 -9.88
C PRO A 316 1.16 -30.36 -10.47
N ILE A 317 -0.13 -30.15 -10.27
CA ILE A 317 -1.12 -31.12 -10.74
C ILE A 317 -1.18 -31.11 -12.27
N TRP A 318 -1.15 -29.92 -12.87
CA TRP A 318 -1.13 -29.83 -14.32
C TRP A 318 0.16 -30.41 -14.89
N MET A 319 1.27 -30.18 -14.19
CA MET A 319 2.55 -30.73 -14.63
C MET A 319 2.51 -32.26 -14.63
N MET A 320 1.96 -32.85 -13.56
CA MET A 320 1.84 -34.30 -13.52
C MET A 320 0.89 -34.81 -14.59
N GLU A 321 -0.19 -34.06 -14.85
CA GLU A 321 -1.18 -34.53 -15.82
C GLU A 321 -0.62 -34.54 -17.24
N THR A 322 0.01 -33.45 -17.67
CA THR A 322 0.38 -33.32 -19.08
C THR A 322 1.86 -33.60 -19.36
N MET A 323 2.74 -33.38 -18.38
CA MET A 323 4.17 -33.49 -18.61
C MET A 323 4.71 -34.90 -18.38
N CYS A 324 3.92 -35.77 -17.74
CA CYS A 324 4.37 -37.09 -17.32
C CYS A 324 5.63 -36.99 -16.48
N SER A 325 5.62 -36.05 -15.55
CA SER A 325 6.80 -35.70 -14.77
C SER A 325 6.88 -36.57 -13.51
N ARG A 326 7.80 -36.23 -12.62
CA ARG A 326 8.06 -36.99 -11.41
C ARG A 326 7.99 -36.07 -10.19
N LYS A 327 8.40 -36.57 -9.03
CA LYS A 327 8.21 -35.83 -7.79
C LYS A 327 9.19 -34.66 -7.63
N TRP A 328 10.46 -34.85 -7.98
CA TRP A 328 11.47 -33.89 -7.55
C TRP A 328 11.56 -32.66 -8.44
N GLN A 329 10.90 -32.64 -9.60
CA GLN A 329 10.96 -31.44 -10.42
C GLN A 329 10.21 -30.26 -9.80
N LEU A 330 9.39 -30.48 -8.79
CA LEU A 330 8.46 -29.44 -8.35
C LEU A 330 9.20 -28.26 -7.72
N GLY A 331 10.10 -28.55 -6.78
CA GLY A 331 10.86 -27.50 -6.15
C GLY A 331 11.78 -26.78 -7.11
N VAL A 332 12.40 -27.55 -8.03
CA VAL A 332 13.27 -26.93 -9.03
C VAL A 332 12.46 -26.04 -9.96
N ALA A 333 11.23 -26.42 -10.25
CA ALA A 333 10.40 -25.62 -11.15
C ALA A 333 9.94 -24.33 -10.48
N PHE A 334 9.59 -24.39 -9.20
CA PHE A 334 9.16 -23.16 -8.54
C PHE A 334 10.31 -22.30 -8.03
N LEU A 335 11.51 -22.87 -7.92
CA LEU A 335 12.66 -22.10 -7.45
C LEU A 335 12.93 -20.81 -8.23
N PRO A 336 12.82 -20.77 -9.57
CA PRO A 336 13.02 -19.48 -10.26
C PRO A 336 12.10 -18.39 -9.79
N ALA A 337 10.85 -18.71 -9.46
CA ALA A 337 9.92 -17.68 -9.02
C ALA A 337 10.38 -17.04 -7.71
N SER A 338 10.78 -17.86 -6.74
CA SER A 338 11.21 -17.31 -5.46
C SER A 338 12.53 -16.56 -5.59
N ILE A 339 13.49 -17.08 -6.36
CA ILE A 339 14.74 -16.36 -6.53
C ILE A 339 14.50 -15.02 -7.23
N SER A 340 13.63 -15.00 -8.24
CA SER A 340 13.35 -13.75 -8.93
C SER A 340 12.62 -12.78 -8.02
N TYR A 341 11.75 -13.27 -7.14
CA TYR A 341 11.10 -12.41 -6.16
C TYR A 341 12.12 -11.76 -5.25
N LEU A 342 13.08 -12.56 -4.76
CA LEU A 342 14.13 -12.05 -3.89
C LEU A 342 14.98 -11.01 -4.60
N ILE A 343 15.33 -11.27 -5.86
CA ILE A 343 16.14 -10.31 -6.60
C ILE A 343 15.34 -9.05 -6.90
N GLY A 344 14.07 -9.18 -7.27
CA GLY A 344 13.29 -8.02 -7.66
C GLY A 344 13.00 -7.07 -6.52
N THR A 345 12.61 -7.61 -5.36
CA THR A 345 12.23 -6.74 -4.26
C THR A 345 13.40 -5.98 -3.64
N ASN A 346 14.64 -6.40 -3.89
CA ASN A 346 15.80 -5.72 -3.33
C ASN A 346 16.44 -4.72 -4.28
N ILE A 347 16.22 -4.84 -5.57
CA ILE A 347 16.81 -3.88 -6.50
C ILE A 347 15.79 -2.82 -6.91
N PHE A 348 14.51 -3.18 -6.99
CA PHE A 348 13.56 -2.20 -7.47
C PHE A 348 13.14 -1.21 -6.41
N GLY A 349 13.44 -1.47 -5.14
CA GLY A 349 13.26 -0.44 -4.13
C GLY A 349 14.09 0.79 -4.40
N ILE A 350 15.31 0.61 -4.90
CA ILE A 350 16.15 1.74 -5.26
C ILE A 350 15.94 2.15 -6.72
N LEU A 351 15.50 1.24 -7.58
CA LEU A 351 15.26 1.65 -8.96
C LEU A 351 13.97 2.45 -9.13
N ALA A 352 12.95 2.20 -8.31
CA ALA A 352 11.63 2.75 -8.56
C ALA A 352 11.61 4.27 -8.40
N HIS A 353 12.18 4.76 -7.30
CA HIS A 353 12.17 6.21 -7.07
C HIS A 353 12.97 6.95 -8.13
N LYS A 354 14.09 6.38 -8.55
CA LYS A 354 14.88 7.00 -9.62
C LYS A 354 14.10 7.01 -10.92
N MET A 355 13.37 5.93 -11.20
CA MET A 355 12.73 5.76 -12.50
C MET A 355 11.25 6.14 -12.50
N GLY A 356 10.55 5.96 -11.39
CA GLY A 356 9.14 6.30 -11.33
C GLY A 356 8.29 5.16 -10.82
N ARG A 357 7.53 5.39 -9.73
CA ARG A 357 6.75 4.32 -9.14
C ARG A 357 5.62 3.86 -10.06
N TRP A 358 4.90 4.82 -10.66
CA TRP A 358 3.74 4.45 -11.46
C TRP A 358 4.14 3.64 -12.69
N LEU A 359 5.20 4.06 -13.36
CA LEU A 359 5.61 3.36 -14.57
C LEU A 359 6.20 2.00 -14.22
N CYS A 360 6.88 1.91 -13.08
CA CYS A 360 7.35 0.61 -12.60
C CYS A 360 6.19 -0.34 -12.35
N ALA A 361 5.14 0.16 -11.71
CA ALA A 361 3.97 -0.69 -11.45
C ALA A 361 3.32 -1.12 -12.76
N LEU A 362 3.24 -0.21 -13.73
CA LEU A 362 2.64 -0.56 -15.02
C LEU A 362 3.44 -1.66 -15.70
N LEU A 363 4.77 -1.51 -15.73
CA LEU A 363 5.60 -2.54 -16.34
C LEU A 363 5.48 -3.86 -15.59
N GLY A 364 5.42 -3.81 -14.25
CA GLY A 364 5.27 -5.02 -13.49
C GLY A 364 3.98 -5.75 -13.81
N MET A 365 2.88 -5.00 -13.90
CA MET A 365 1.61 -5.63 -14.26
C MET A 365 1.66 -6.23 -15.65
N ILE A 366 2.24 -5.51 -16.62
CA ILE A 366 2.29 -6.03 -17.98
C ILE A 366 3.14 -7.30 -18.04
N ILE A 367 4.28 -7.31 -17.34
CA ILE A 367 5.14 -8.48 -17.37
C ILE A 367 4.50 -9.66 -16.65
N VAL A 368 3.78 -9.40 -15.55
CA VAL A 368 2.99 -10.45 -14.91
C VAL A 368 2.03 -11.08 -15.91
N GLY A 369 1.31 -10.23 -16.64
CA GLY A 369 0.34 -10.73 -17.60
C GLY A 369 0.98 -11.58 -18.68
N VAL A 370 2.06 -11.08 -19.27
CA VAL A 370 2.73 -11.82 -20.33
C VAL A 370 3.26 -13.16 -19.82
N SER A 371 3.90 -13.15 -18.65
CA SER A 371 4.46 -14.38 -18.11
C SER A 371 3.37 -15.41 -17.82
N ILE A 372 2.31 -14.99 -17.15
CA ILE A 372 1.23 -15.93 -16.84
C ILE A 372 0.56 -16.43 -18.11
N LEU A 373 0.46 -15.58 -19.13
CA LEU A 373 -0.07 -16.04 -20.41
C LEU A 373 0.84 -17.09 -21.03
N CYS A 374 2.16 -16.92 -20.91
CA CYS A 374 3.09 -17.84 -21.53
C CYS A 374 3.17 -19.18 -20.80
N ILE A 375 2.88 -19.19 -19.50
CA ILE A 375 3.06 -20.43 -18.71
C ILE A 375 2.30 -21.63 -19.29
N PRO A 376 1.00 -21.56 -19.57
CA PRO A 376 0.33 -22.76 -20.08
C PRO A 376 0.84 -23.23 -21.41
N PHE A 377 1.35 -22.32 -22.25
CA PHE A 377 1.77 -22.72 -23.58
C PHE A 377 3.06 -23.53 -23.59
N ALA A 378 3.78 -23.57 -22.49
CA ALA A 378 5.04 -24.31 -22.43
C ALA A 378 4.78 -25.82 -22.43
N LYS A 379 5.79 -26.58 -22.83
CA LYS A 379 5.67 -28.02 -22.95
C LYS A 379 6.74 -28.82 -22.21
N ASN A 380 7.83 -28.19 -21.77
CA ASN A 380 8.88 -28.88 -21.03
C ASN A 380 9.26 -28.05 -19.82
N ILE A 381 10.05 -28.64 -18.93
CA ILE A 381 10.49 -27.94 -17.73
C ILE A 381 11.29 -26.70 -18.10
N TYR A 382 12.20 -26.85 -19.08
CA TYR A 382 12.91 -25.70 -19.60
C TYR A 382 11.96 -24.68 -20.20
N GLY A 383 10.79 -25.14 -20.67
CA GLY A 383 9.77 -24.21 -21.09
C GLY A 383 9.18 -23.41 -19.95
N LEU A 384 9.14 -23.97 -18.75
CA LEU A 384 8.63 -23.25 -17.59
C LEU A 384 9.70 -22.50 -16.81
N ILE A 385 10.98 -22.68 -17.13
CA ILE A 385 12.02 -21.97 -16.38
C ILE A 385 11.88 -20.46 -16.58
N ALA A 386 11.78 -20.02 -17.83
CA ALA A 386 11.73 -18.58 -18.10
C ALA A 386 10.49 -17.88 -17.56
N PRO A 387 9.25 -18.34 -17.82
CA PRO A 387 8.10 -17.57 -17.36
C PRO A 387 8.00 -17.43 -15.86
N ASN A 388 8.43 -18.42 -15.09
CA ASN A 388 8.42 -18.27 -13.64
C ASN A 388 9.38 -17.18 -13.19
N PHE A 389 10.56 -17.12 -13.83
CA PHE A 389 11.48 -16.02 -13.56
C PHE A 389 10.81 -14.68 -13.86
N GLY A 390 10.11 -14.60 -15.00
CA GLY A 390 9.45 -13.36 -15.35
C GLY A 390 8.38 -12.96 -14.35
N VAL A 391 7.55 -13.91 -13.93
CA VAL A 391 6.45 -13.58 -13.03
C VAL A 391 7.00 -13.18 -11.66
N GLY A 392 8.06 -13.85 -11.20
CA GLY A 392 8.67 -13.44 -9.94
C GLY A 392 9.23 -12.03 -10.01
N PHE A 393 9.95 -11.74 -11.09
CA PHE A 393 10.51 -10.40 -11.26
C PHE A 393 9.41 -9.35 -11.29
N ALA A 394 8.32 -9.63 -11.98
CA ALA A 394 7.29 -8.62 -12.16
C ALA A 394 6.48 -8.41 -10.89
N ILE A 395 6.15 -9.48 -10.17
CA ILE A 395 5.45 -9.31 -8.91
C ILE A 395 6.34 -8.59 -7.91
N GLY A 396 7.66 -8.83 -7.98
CA GLY A 396 8.57 -8.06 -7.15
C GLY A 396 8.52 -6.58 -7.45
N MET A 397 8.54 -6.22 -8.74
CA MET A 397 8.42 -4.81 -9.09
C MET A 397 7.13 -4.22 -8.55
N VAL A 398 6.01 -4.92 -8.75
CA VAL A 398 4.72 -4.37 -8.35
C VAL A 398 4.67 -4.14 -6.85
N ASP A 399 5.10 -5.13 -6.07
CA ASP A 399 5.03 -5.00 -4.61
C ASP A 399 5.98 -3.93 -4.10
N SER A 400 7.23 -3.95 -4.56
CA SER A 400 8.21 -3.00 -4.06
C SER A 400 7.94 -1.58 -4.55
N SER A 401 7.12 -1.42 -5.59
CA SER A 401 6.78 -0.08 -6.05
C SER A 401 5.46 0.42 -5.50
N MET A 402 4.54 -0.47 -5.11
CA MET A 402 3.26 -0.04 -4.57
C MET A 402 3.20 -0.05 -3.05
N MET A 403 4.18 -0.65 -2.37
CA MET A 403 4.19 -0.57 -0.92
C MET A 403 4.39 0.84 -0.39
N PRO A 404 5.39 1.62 -0.83
CA PRO A 404 5.56 2.96 -0.25
C PRO A 404 4.60 4.00 -0.82
N ILE A 405 3.91 3.70 -1.92
CA ILE A 405 3.00 4.70 -2.46
C ILE A 405 1.81 4.92 -1.53
N MET A 406 1.47 3.95 -0.70
CA MET A 406 0.46 4.16 0.32
C MET A 406 0.87 5.28 1.27
N GLY A 407 2.09 5.19 1.81
CA GLY A 407 2.57 6.24 2.69
C GLY A 407 2.69 7.57 1.98
N TYR A 408 3.13 7.54 0.72
CA TYR A 408 3.24 8.78 -0.05
C TYR A 408 1.88 9.45 -0.19
N LEU A 409 0.85 8.67 -0.55
CA LEU A 409 -0.48 9.25 -0.74
C LEU A 409 -1.05 9.76 0.57
N VAL A 410 -0.92 8.99 1.66
CA VAL A 410 -1.54 9.42 2.90
C VAL A 410 -0.82 10.65 3.45
N ASP A 411 0.48 10.79 3.17
CA ASP A 411 1.15 12.04 3.56
C ASP A 411 0.76 13.19 2.65
N LEU A 412 0.50 12.91 1.37
CA LEU A 412 0.22 13.98 0.42
C LEU A 412 -1.16 14.58 0.63
N ARG A 413 -2.18 13.74 0.82
CA ARG A 413 -3.56 14.21 0.77
C ARG A 413 -4.39 13.73 1.96
N HIS A 414 -3.75 13.41 3.08
CA HIS A 414 -4.46 12.96 4.27
C HIS A 414 -3.63 13.33 5.50
N VAL A 415 -4.09 12.85 6.65
CA VAL A 415 -3.38 13.06 7.90
C VAL A 415 -2.27 12.03 8.02
N SER A 416 -1.12 12.44 8.55
CA SER A 416 0.06 11.58 8.60
C SER A 416 -0.05 10.49 9.64
N VAL A 417 -0.97 9.54 9.42
CA VAL A 417 -1.05 8.32 10.20
C VAL A 417 -1.08 7.15 9.22
N TYR A 418 -0.16 6.21 9.39
CA TYR A 418 0.06 5.17 8.39
C TYR A 418 -0.55 3.82 8.76
N GLY A 419 -1.00 3.66 10.01
CA GLY A 419 -1.50 2.36 10.44
C GLY A 419 -2.69 1.89 9.62
N SER A 420 -3.67 2.76 9.43
CA SER A 420 -4.89 2.36 8.73
C SER A 420 -4.62 2.06 7.26
N VAL A 421 -3.84 2.92 6.60
CA VAL A 421 -3.60 2.72 5.18
C VAL A 421 -2.76 1.46 4.96
N TYR A 422 -1.80 1.19 5.84
CA TYR A 422 -1.02 -0.02 5.67
C TYR A 422 -1.83 -1.25 6.04
N ALA A 423 -2.81 -1.10 6.94
CA ALA A 423 -3.74 -2.18 7.18
C ALA A 423 -4.54 -2.49 5.93
N ILE A 424 -5.00 -1.46 5.21
CA ILE A 424 -5.71 -1.68 3.95
C ILE A 424 -4.81 -2.37 2.95
N ALA A 425 -3.55 -1.93 2.87
CA ALA A 425 -2.60 -2.55 1.94
C ALA A 425 -2.41 -4.03 2.27
N ASP A 426 -2.31 -4.36 3.55
CA ASP A 426 -2.12 -5.76 3.92
C ASP A 426 -3.39 -6.59 3.75
N VAL A 427 -4.56 -5.96 3.88
CA VAL A 427 -5.81 -6.63 3.49
C VAL A 427 -5.75 -7.03 2.03
N ALA A 428 -5.32 -6.09 1.17
CA ALA A 428 -5.17 -6.40 -0.24
C ALA A 428 -4.14 -7.50 -0.45
N PHE A 429 -3.04 -7.45 0.30
CA PHE A 429 -1.99 -8.45 0.18
C PHE A 429 -2.49 -9.84 0.55
N CYS A 430 -3.24 -9.95 1.64
CA CYS A 430 -3.65 -11.22 2.20
C CYS A 430 -4.89 -11.81 1.54
N MET A 431 -5.73 -10.98 0.91
CA MET A 431 -6.90 -11.52 0.22
C MET A 431 -6.50 -12.50 -0.87
N GLY A 432 -5.36 -12.27 -1.52
CA GLY A 432 -4.90 -13.20 -2.54
C GLY A 432 -4.60 -14.58 -1.98
N TYR A 433 -3.85 -14.63 -0.88
CA TYR A 433 -3.56 -15.91 -0.25
C TYR A 433 -4.84 -16.53 0.30
N ALA A 434 -5.81 -15.70 0.68
CA ALA A 434 -7.06 -16.21 1.22
C ALA A 434 -7.87 -16.94 0.15
N ILE A 435 -8.02 -16.33 -1.02
CA ILE A 435 -8.91 -16.86 -2.04
C ILE A 435 -8.14 -17.54 -3.18
N GLY A 436 -6.85 -17.77 -3.00
CA GLY A 436 -6.06 -18.43 -4.03
C GLY A 436 -6.27 -19.93 -4.16
N PRO A 437 -5.86 -20.70 -3.15
CA PRO A 437 -5.83 -22.16 -3.30
C PRO A 437 -7.17 -22.80 -3.66
N SER A 438 -8.18 -22.61 -2.81
CA SER A 438 -9.44 -23.31 -2.99
C SER A 438 -10.15 -22.86 -4.25
N ALA A 439 -10.22 -21.55 -4.49
CA ALA A 439 -10.91 -21.04 -5.67
C ALA A 439 -10.17 -21.46 -6.94
N GLY A 440 -8.84 -21.42 -6.93
CA GLY A 440 -8.10 -21.87 -8.09
C GLY A 440 -8.30 -23.35 -8.38
N GLY A 441 -8.33 -24.17 -7.32
CA GLY A 441 -8.61 -25.58 -7.51
C GLY A 441 -9.99 -25.82 -8.08
N ALA A 442 -10.99 -25.09 -7.59
CA ALA A 442 -12.34 -25.23 -8.12
C ALA A 442 -12.43 -24.79 -9.58
N ILE A 443 -11.77 -23.67 -9.91
CA ILE A 443 -11.80 -23.17 -11.28
C ILE A 443 -11.08 -24.14 -12.20
N ALA A 444 -10.01 -24.77 -11.72
CA ALA A 444 -9.35 -25.79 -12.52
C ALA A 444 -10.23 -27.03 -12.65
N LYS A 445 -11.01 -27.34 -11.62
CA LYS A 445 -11.86 -28.53 -11.67
C LYS A 445 -12.96 -28.37 -12.70
N ALA A 446 -13.56 -27.18 -12.77
CA ALA A 446 -14.69 -26.96 -13.67
C ALA A 446 -14.28 -26.40 -15.02
N ILE A 447 -13.07 -25.85 -15.13
CA ILE A 447 -12.63 -25.07 -16.28
C ILE A 447 -11.16 -25.39 -16.50
N GLY A 448 -10.73 -25.36 -17.76
CA GLY A 448 -9.35 -25.63 -18.10
C GLY A 448 -8.35 -24.76 -17.37
N PHE A 449 -7.30 -25.39 -16.83
CA PHE A 449 -6.22 -24.64 -16.19
C PHE A 449 -5.56 -23.61 -17.11
N PRO A 450 -5.27 -23.92 -18.39
CA PRO A 450 -4.81 -22.83 -19.26
C PRO A 450 -5.79 -21.67 -19.34
N TRP A 451 -7.09 -21.95 -19.30
CA TRP A 451 -8.07 -20.87 -19.28
C TRP A 451 -7.96 -20.07 -18.00
N LEU A 452 -7.66 -20.72 -16.88
CA LEU A 452 -7.43 -20.00 -15.63
C LEU A 452 -6.24 -19.04 -15.77
N MET A 453 -5.14 -19.54 -16.34
CA MET A 453 -3.98 -18.67 -16.50
C MET A 453 -4.28 -17.52 -17.46
N THR A 454 -5.00 -17.81 -18.55
CA THR A 454 -5.32 -16.74 -19.50
C THR A 454 -6.23 -15.70 -18.90
N ILE A 455 -7.23 -16.11 -18.11
CA ILE A 455 -8.13 -15.13 -17.51
C ILE A 455 -7.38 -14.29 -16.47
N ILE A 456 -6.46 -14.91 -15.73
CA ILE A 456 -5.65 -14.14 -14.78
C ILE A 456 -4.81 -13.11 -15.53
N GLY A 457 -4.19 -13.54 -16.64
CA GLY A 457 -3.38 -12.62 -17.42
C GLY A 457 -4.20 -11.49 -18.02
N ILE A 458 -5.41 -11.80 -18.48
CA ILE A 458 -6.28 -10.77 -19.03
C ILE A 458 -6.65 -9.76 -17.95
N ILE A 459 -6.97 -10.25 -16.75
CA ILE A 459 -7.31 -9.34 -15.65
C ILE A 459 -6.13 -8.43 -15.34
N ASP A 460 -4.92 -8.99 -15.27
CA ASP A 460 -3.75 -8.18 -14.97
C ASP A 460 -3.49 -7.15 -16.07
N ILE A 461 -3.58 -7.55 -17.33
CA ILE A 461 -3.30 -6.63 -18.43
C ILE A 461 -4.33 -5.50 -18.45
N LEU A 462 -5.61 -5.83 -18.26
CA LEU A 462 -6.64 -4.79 -18.30
C LEU A 462 -6.56 -3.87 -17.08
N PHE A 463 -6.10 -4.37 -15.93
CA PHE A 463 -5.91 -3.49 -14.78
C PHE A 463 -4.63 -2.70 -14.85
N ALA A 464 -3.70 -3.09 -15.73
CA ALA A 464 -2.41 -2.38 -15.83
C ALA A 464 -2.55 -0.89 -16.16
N PRO A 465 -3.32 -0.46 -17.15
CA PRO A 465 -3.33 0.98 -17.49
C PRO A 465 -3.88 1.86 -16.38
N LEU A 466 -4.63 1.30 -15.42
CA LEU A 466 -5.16 2.11 -14.33
C LEU A 466 -4.05 2.63 -13.42
N CYS A 467 -2.84 2.09 -13.51
CA CYS A 467 -1.72 2.65 -12.77
C CYS A 467 -1.27 4.00 -13.30
N PHE A 468 -1.76 4.40 -14.48
CA PHE A 468 -1.36 5.69 -15.06
C PHE A 468 -1.85 6.86 -14.23
N PHE A 469 -2.96 6.69 -13.49
CA PHE A 469 -3.51 7.79 -12.72
C PHE A 469 -2.64 8.21 -11.56
N LEU A 470 -1.63 7.41 -11.20
CA LEU A 470 -0.78 7.71 -10.05
C LEU A 470 0.42 8.56 -10.41
N ARG A 471 0.44 9.17 -11.59
CA ARG A 471 1.59 9.97 -11.99
C ARG A 471 1.71 11.23 -11.15
N SER A 472 0.62 11.94 -10.94
CA SER A 472 0.62 13.19 -10.18
C SER A 472 -0.72 13.37 -9.50
N PRO A 473 -0.92 12.74 -8.35
CA PRO A 473 -2.18 12.87 -7.62
C PRO A 473 -2.39 14.30 -7.15
N PRO A 474 -3.63 14.78 -7.18
CA PRO A 474 -3.91 16.13 -6.64
C PRO A 474 -3.80 16.14 -5.12
N SER A 475 -3.44 17.31 -4.59
CA SER A 475 -3.33 17.48 -3.15
C SER A 475 -4.70 17.77 -2.55
N ARG A 476 -4.73 17.77 -1.21
CA ARG A 476 -6.00 17.99 -0.51
C ARG A 476 -6.52 19.40 -0.73
N LEU A 477 -5.61 20.39 -0.84
CA LEU A 477 -6.04 21.75 -1.14
C LEU A 477 -6.67 21.83 -2.52
N GLU A 478 -6.12 21.10 -3.50
CA GLU A 478 -6.69 21.10 -4.83
C GLU A 478 -8.10 20.53 -4.84
N GLU A 479 -8.32 19.43 -4.11
CA GLU A 479 -9.65 18.86 -4.03
C GLU A 479 -10.61 19.79 -3.30
N GLU A 480 -10.13 20.48 -2.27
CA GLU A 480 -10.97 21.46 -1.60
C GLU A 480 -11.38 22.57 -2.56
N LEU A 481 -10.44 23.06 -3.37
CA LEU A 481 -10.76 24.10 -4.33
C LEU A 481 -11.73 23.59 -5.39
N ARG A 482 -11.56 22.35 -5.81
CA ARG A 482 -12.51 21.76 -6.76
C ARG A 482 -13.91 21.69 -6.16
N ARG A 483 -14.00 21.28 -4.89
CA ARG A 483 -15.31 21.21 -4.25
C ARG A 483 -15.93 22.59 -4.10
N ARG A 484 -15.12 23.60 -3.78
CA ARG A 484 -15.64 24.95 -3.65
C ARG A 484 -16.05 25.54 -4.99
N THR A 485 -15.37 25.16 -6.07
CA THR A 485 -15.82 25.57 -7.40
C THR A 485 -17.13 24.87 -7.78
N GLU A 486 -17.27 23.60 -7.37
CA GLU A 486 -18.54 22.90 -7.62
C GLU A 486 -19.68 23.55 -6.86
N GLY A 487 -19.45 23.92 -5.61
CA GLY A 487 -20.48 24.55 -4.79
C GLY A 487 -20.20 24.47 -3.30
N VAL B 6 -1.64 37.89 9.73
CA VAL B 6 -1.56 37.86 8.28
C VAL B 6 -2.49 38.90 7.67
N GLN B 7 -1.89 39.90 7.02
CA GLN B 7 -2.64 40.98 6.38
C GLN B 7 -2.25 41.05 4.91
N LEU B 8 -3.23 41.42 4.08
CA LEU B 8 -3.06 41.46 2.64
C LEU B 8 -3.56 42.79 2.08
N GLN B 9 -3.03 43.13 0.91
CA GLN B 9 -3.41 44.35 0.20
C GLN B 9 -3.65 44.02 -1.26
N GLU B 10 -4.39 44.90 -1.93
CA GLU B 10 -4.69 44.70 -3.35
C GLU B 10 -5.04 46.04 -3.98
N SER B 11 -5.03 46.07 -5.30
CA SER B 11 -5.40 47.27 -6.05
C SER B 11 -6.06 46.84 -7.35
N GLY B 12 -6.90 47.73 -7.89
CA GLY B 12 -7.58 47.47 -9.14
C GLY B 12 -8.95 48.12 -9.14
N GLY B 13 -9.76 47.69 -10.09
CA GLY B 13 -11.11 48.20 -10.24
C GLY B 13 -11.19 49.38 -11.19
N GLY B 14 -12.35 49.51 -11.83
CA GLY B 14 -12.56 50.62 -12.74
C GLY B 14 -13.74 50.34 -13.66
N LEU B 15 -14.03 51.34 -14.49
CA LEU B 15 -15.11 51.29 -15.46
C LEU B 15 -14.51 51.19 -16.85
N VAL B 16 -15.02 50.24 -17.64
CA VAL B 16 -14.51 50.01 -18.99
C VAL B 16 -15.63 49.45 -19.86
N GLN B 17 -15.56 49.73 -21.15
CA GLN B 17 -16.54 49.23 -22.10
C GLN B 17 -16.32 47.73 -22.34
N PRO B 18 -17.33 47.04 -22.87
CA PRO B 18 -17.15 45.62 -23.20
C PRO B 18 -16.04 45.42 -24.24
N GLY B 19 -15.30 44.33 -24.09
CA GLY B 19 -14.21 43.99 -24.99
C GLY B 19 -12.85 44.49 -24.56
N GLY B 20 -12.75 45.20 -23.45
CA GLY B 20 -11.48 45.76 -23.01
C GLY B 20 -10.63 44.75 -22.25
N SER B 21 -9.64 45.29 -21.54
CA SER B 21 -8.73 44.49 -20.73
C SER B 21 -8.51 45.17 -19.38
N LEU B 22 -8.17 44.36 -18.39
CA LEU B 22 -7.93 44.87 -17.05
C LEU B 22 -7.00 43.92 -16.31
N ARG B 23 -6.22 44.48 -15.39
CA ARG B 23 -5.28 43.71 -14.58
C ARG B 23 -5.58 43.95 -13.10
N LEU B 24 -5.62 42.87 -12.32
CA LEU B 24 -5.85 42.93 -10.89
C LEU B 24 -4.74 42.20 -10.16
N SER B 25 -4.25 42.81 -9.08
CA SER B 25 -3.16 42.24 -8.31
C SER B 25 -3.48 42.33 -6.82
N CYS B 26 -3.22 41.24 -6.10
CA CYS B 26 -3.42 41.18 -4.66
C CYS B 26 -2.07 40.86 -4.01
N THR B 27 -1.73 41.61 -2.97
CA THR B 27 -0.43 41.52 -2.33
C THR B 27 -0.57 40.92 -0.94
N ALA B 28 0.38 40.08 -0.55
CA ALA B 28 0.43 39.46 0.78
C ALA B 28 1.81 39.73 1.37
N SER B 29 1.99 40.89 1.99
CA SER B 29 3.27 41.29 2.54
C SER B 29 3.38 41.07 4.05
N GLY B 30 2.27 40.78 4.72
CA GLY B 30 2.28 40.59 6.16
C GLY B 30 2.65 39.20 6.65
N VAL B 31 2.89 38.25 5.74
CA VAL B 31 3.20 36.89 6.12
C VAL B 31 4.44 36.45 5.35
N THR B 32 5.19 35.51 5.92
CA THR B 32 6.44 35.08 5.33
C THR B 32 6.20 34.29 4.06
N ILE B 33 7.28 34.09 3.31
CA ILE B 33 7.19 33.37 2.03
C ILE B 33 6.79 31.92 2.26
N SER B 34 7.39 31.28 3.26
CA SER B 34 7.14 29.86 3.49
C SER B 34 5.68 29.60 3.86
N ALA B 35 5.11 30.41 4.76
CA ALA B 35 3.70 30.27 5.09
C ALA B 35 2.83 30.63 3.91
N LEU B 36 3.28 31.55 3.06
CA LEU B 36 2.54 31.87 1.84
C LEU B 36 2.48 30.66 0.91
N ASN B 37 3.58 29.92 0.80
CA ASN B 37 3.58 28.74 -0.05
C ASN B 37 2.69 27.64 0.51
N ALA B 38 2.65 27.51 1.84
CA ALA B 38 1.81 26.48 2.45
C ALA B 38 0.34 26.75 2.21
N MET B 39 -0.05 28.03 2.16
CA MET B 39 -1.44 28.40 1.99
C MET B 39 -1.85 28.32 0.52
N ALA B 40 -3.15 28.46 0.28
CA ALA B 40 -3.69 28.57 -1.07
C ALA B 40 -4.53 29.83 -1.15
N MET B 41 -4.42 30.53 -2.28
CA MET B 41 -5.04 31.84 -2.42
C MET B 41 -5.67 31.98 -3.80
N GLY B 42 -6.56 32.95 -3.92
CA GLY B 42 -7.22 33.23 -5.17
C GLY B 42 -8.00 34.53 -5.05
N TRP B 43 -8.93 34.70 -5.98
CA TRP B 43 -9.76 35.90 -6.02
C TRP B 43 -11.22 35.50 -5.85
N TYR B 44 -11.92 36.17 -4.93
CA TYR B 44 -13.34 35.97 -4.74
C TYR B 44 -14.15 36.90 -5.63
N ARG B 45 -15.45 36.63 -5.68
CA ARG B 45 -16.39 37.38 -6.51
C ARG B 45 -17.75 37.36 -5.85
N GLN B 46 -18.40 38.52 -5.78
CA GLN B 46 -19.75 38.63 -5.25
C GLN B 46 -20.52 39.67 -6.06
N ALA B 47 -21.80 39.39 -6.29
CA ALA B 47 -22.69 40.25 -7.03
C ALA B 47 -23.78 40.79 -6.11
N PRO B 48 -24.42 41.90 -6.46
CA PRO B 48 -25.48 42.45 -5.60
C PRO B 48 -26.63 41.46 -5.43
N GLY B 49 -26.89 41.13 -4.17
CA GLY B 49 -27.90 40.14 -3.86
C GLY B 49 -27.57 38.75 -4.36
N GLU B 50 -26.30 38.37 -4.29
CA GLU B 50 -25.86 37.07 -4.78
C GLU B 50 -24.86 36.46 -3.79
N ARG B 51 -24.78 35.14 -3.82
CA ARG B 51 -23.87 34.39 -2.98
C ARG B 51 -22.51 34.29 -3.65
N ARG B 52 -21.50 33.96 -2.85
CA ARG B 52 -20.17 33.75 -3.40
C ARG B 52 -20.13 32.42 -4.18
N VAL B 53 -19.66 32.49 -5.42
CA VAL B 53 -19.39 31.30 -6.22
C VAL B 53 -17.97 31.44 -6.78
N MET B 54 -17.19 30.36 -6.69
CA MET B 54 -15.75 30.48 -6.87
C MET B 54 -15.41 30.62 -8.36
N VAL B 55 -14.44 31.48 -8.66
CA VAL B 55 -14.11 31.79 -10.05
C VAL B 55 -12.71 31.28 -10.43
N ALA B 56 -11.68 31.60 -9.66
CA ALA B 56 -10.31 31.24 -10.03
C ALA B 56 -9.41 31.34 -8.82
N ALA B 57 -8.78 30.23 -8.44
CA ALA B 57 -7.82 30.21 -7.35
C ALA B 57 -6.64 29.32 -7.72
N VAL B 58 -5.50 29.60 -7.10
CA VAL B 58 -4.27 28.88 -7.34
C VAL B 58 -3.78 28.26 -6.03
N SER B 59 -2.90 27.28 -6.15
CA SER B 59 -2.41 26.55 -4.99
C SER B 59 -0.93 26.25 -5.21
N GLU B 60 -0.33 25.51 -4.27
CA GLU B 60 1.12 25.26 -4.36
C GLU B 60 1.43 24.17 -5.39
N ARG B 61 0.41 23.51 -5.91
CA ARG B 61 0.54 22.73 -7.13
C ARG B 61 0.56 23.61 -8.38
N GLY B 62 0.24 24.88 -8.25
CA GLY B 62 0.17 25.76 -9.40
C GLY B 62 -0.91 25.38 -10.37
N ASN B 63 -2.02 24.84 -9.87
CA ASN B 63 -3.15 24.44 -10.69
C ASN B 63 -4.35 25.31 -10.34
N ALA B 64 -4.94 25.94 -11.36
CA ALA B 64 -6.06 26.87 -11.19
C ALA B 64 -7.29 26.28 -11.84
N MET B 65 -8.27 25.88 -11.02
CA MET B 65 -9.53 25.34 -11.52
C MET B 65 -10.47 26.50 -11.81
N TYR B 66 -10.49 26.91 -13.07
CA TYR B 66 -11.37 27.99 -13.50
C TYR B 66 -12.81 27.51 -13.49
N ARG B 67 -13.73 28.42 -13.21
CA ARG B 67 -15.14 28.06 -13.26
C ARG B 67 -15.54 27.85 -14.72
N GLU B 68 -16.61 27.08 -14.94
CA GLU B 68 -16.93 26.56 -16.26
C GLU B 68 -17.12 27.68 -17.29
N SER B 69 -17.59 28.84 -16.84
CA SER B 69 -17.88 29.93 -17.76
C SER B 69 -16.75 30.95 -17.90
N VAL B 70 -15.65 30.78 -17.16
CA VAL B 70 -14.56 31.76 -17.18
C VAL B 70 -13.32 31.22 -17.88
N GLN B 71 -13.38 30.00 -18.39
CA GLN B 71 -12.21 29.36 -19.01
C GLN B 71 -11.72 30.15 -20.22
N GLY B 72 -10.54 30.75 -20.10
CA GLY B 72 -9.96 31.53 -21.18
C GLY B 72 -10.15 33.02 -20.96
N ARG B 73 -11.24 33.39 -20.29
CA ARG B 73 -11.53 34.79 -20.00
C ARG B 73 -10.57 35.39 -18.97
N PHE B 74 -10.18 34.62 -17.96
CA PHE B 74 -9.34 35.10 -16.88
C PHE B 74 -7.94 34.49 -17.01
N THR B 75 -6.99 35.08 -16.30
CA THR B 75 -5.64 34.54 -16.21
C THR B 75 -5.05 34.92 -14.86
N VAL B 76 -4.76 33.92 -14.04
CA VAL B 76 -4.32 34.12 -12.66
C VAL B 76 -2.96 33.44 -12.46
N THR B 77 -2.11 34.09 -11.67
CA THR B 77 -0.78 33.58 -11.38
C THR B 77 -0.38 34.02 -9.98
N ARG B 78 0.22 33.10 -9.22
CA ARG B 78 0.68 33.36 -7.86
C ARG B 78 2.21 33.39 -7.87
N ASP B 79 2.77 34.40 -7.21
CA ASP B 79 4.22 34.48 -7.10
C ASP B 79 4.69 33.89 -5.77
N PHE B 80 5.56 32.90 -5.86
CA PHE B 80 6.12 32.29 -4.65
C PHE B 80 7.15 33.18 -3.97
N THR B 81 7.64 34.21 -4.65
CA THR B 81 8.68 35.09 -4.12
C THR B 81 8.21 36.52 -3.94
N ASN B 82 7.53 37.08 -4.93
CA ASN B 82 7.03 38.46 -4.86
C ASN B 82 5.86 38.60 -3.90
N LYS B 83 5.31 37.48 -3.40
CA LYS B 83 4.17 37.49 -2.49
C LYS B 83 2.95 38.18 -3.11
N MET B 84 2.75 37.97 -4.40
CA MET B 84 1.61 38.54 -5.11
C MET B 84 0.83 37.46 -5.84
N VAL B 85 -0.49 37.45 -5.65
CA VAL B 85 -1.40 36.74 -6.54
C VAL B 85 -2.08 37.78 -7.42
N SER B 86 -2.06 37.54 -8.72
CA SER B 86 -2.51 38.55 -9.67
C SER B 86 -3.42 37.91 -10.70
N LEU B 87 -4.27 38.75 -11.30
CA LEU B 87 -5.23 38.28 -12.28
C LEU B 87 -5.15 39.18 -13.51
N GLN B 88 -5.20 38.56 -14.68
CA GLN B 88 -5.23 39.26 -15.95
C GLN B 88 -6.42 38.75 -16.74
N MET B 89 -7.15 39.66 -17.38
CA MET B 89 -8.38 39.32 -18.07
C MET B 89 -8.47 40.12 -19.36
N ASP B 90 -8.89 39.46 -20.44
CA ASP B 90 -8.75 40.00 -21.79
C ASP B 90 -10.07 40.40 -22.44
N ASN B 91 -11.21 40.03 -21.87
CA ASN B 91 -12.49 40.30 -22.52
C ASN B 91 -13.52 40.70 -21.47
N LEU B 92 -14.49 41.51 -21.91
CA LEU B 92 -15.55 41.99 -21.04
C LEU B 92 -16.90 41.64 -21.65
N LYS B 93 -17.88 41.41 -20.79
CA LYS B 93 -19.26 41.23 -21.21
C LYS B 93 -20.17 41.89 -20.18
N PRO B 94 -21.38 42.29 -20.57
CA PRO B 94 -22.28 42.97 -19.63
C PRO B 94 -22.67 42.12 -18.43
N GLU B 95 -22.53 40.80 -18.50
CA GLU B 95 -22.87 39.91 -17.40
C GLU B 95 -21.79 39.84 -16.32
N ASP B 96 -20.86 40.81 -16.28
CA ASP B 96 -19.76 40.81 -15.33
C ASP B 96 -19.98 41.78 -14.18
N THR B 97 -21.23 42.14 -13.89
CA THR B 97 -21.51 43.05 -12.78
C THR B 97 -21.33 42.34 -11.45
N ALA B 98 -20.14 42.45 -10.86
CA ALA B 98 -19.84 41.78 -9.60
C ALA B 98 -18.69 42.52 -8.92
N VAL B 99 -18.51 42.22 -7.64
CA VAL B 99 -17.45 42.80 -6.82
C VAL B 99 -16.48 41.68 -6.46
N TYR B 100 -15.20 41.91 -6.67
CA TYR B 100 -14.18 40.89 -6.55
C TYR B 100 -13.35 41.10 -5.28
N TYR B 101 -13.11 40.00 -4.55
CA TYR B 101 -12.41 40.04 -3.28
C TYR B 101 -11.16 39.18 -3.35
N CYS B 102 -10.27 39.38 -2.38
CA CYS B 102 -9.08 38.56 -2.22
C CYS B 102 -9.20 37.72 -0.95
N HIS B 103 -8.50 36.58 -0.94
CA HIS B 103 -8.71 35.60 0.12
C HIS B 103 -7.56 34.60 0.12
N VAL B 104 -7.46 33.83 1.21
CA VAL B 104 -6.49 32.76 1.36
C VAL B 104 -7.14 31.58 2.08
N LEU B 105 -6.60 30.39 1.86
CA LEU B 105 -6.96 29.20 2.64
C LEU B 105 -5.70 28.58 3.22
N GLU B 106 -5.84 27.95 4.38
CA GLU B 106 -4.72 27.29 5.06
C GLU B 106 -5.28 26.01 5.68
N ASP B 107 -5.12 24.90 4.95
CA ASP B 107 -5.82 23.66 5.30
C ASP B 107 -5.05 22.77 6.26
N ARG B 108 -3.87 23.18 6.72
CA ARG B 108 -3.20 22.38 7.76
C ARG B 108 -4.05 22.31 9.02
N VAL B 109 -4.82 23.37 9.29
CA VAL B 109 -5.85 23.33 10.32
C VAL B 109 -7.16 22.91 9.66
N ASP B 110 -8.02 22.24 10.43
CA ASP B 110 -9.27 21.75 9.87
C ASP B 110 -10.27 22.88 9.64
N SER B 111 -10.07 24.03 10.28
CA SER B 111 -10.97 25.17 10.12
C SER B 111 -10.65 26.01 8.90
N PHE B 112 -9.46 25.85 8.31
CA PHE B 112 -9.00 26.59 7.13
C PHE B 112 -9.34 28.08 7.23
N HIS B 113 -8.71 28.74 8.21
CA HIS B 113 -8.98 30.14 8.48
C HIS B 113 -8.84 31.00 7.24
N ASP B 114 -9.93 31.67 6.86
CA ASP B 114 -9.99 32.51 5.68
C ASP B 114 -9.90 33.97 6.06
N TYR B 115 -9.02 34.70 5.38
CA TYR B 115 -8.85 36.12 5.59
C TYR B 115 -9.13 36.86 4.28
N TRP B 116 -10.05 37.82 4.34
CA TRP B 116 -10.52 38.47 3.13
C TRP B 116 -9.73 39.74 2.84
N GLY B 117 -9.79 40.18 1.60
CA GLY B 117 -9.19 41.44 1.21
C GLY B 117 -10.19 42.57 1.21
N GLN B 118 -9.73 43.79 0.93
CA GLN B 118 -10.61 44.95 0.88
C GLN B 118 -11.63 44.79 -0.24
N GLY B 119 -11.19 44.29 -1.39
CA GLY B 119 -12.10 43.98 -2.48
C GLY B 119 -12.18 45.09 -3.51
N THR B 120 -12.48 44.70 -4.75
CA THR B 120 -12.65 45.62 -5.86
C THR B 120 -13.93 45.30 -6.59
N GLN B 121 -14.59 46.36 -7.08
CA GLN B 121 -15.83 46.22 -7.82
C GLN B 121 -15.60 46.64 -9.28
N VAL B 122 -16.17 45.86 -10.19
CA VAL B 122 -16.09 46.13 -11.62
C VAL B 122 -17.48 45.97 -12.22
N THR B 123 -17.96 46.98 -12.95
CA THR B 123 -19.23 46.93 -13.63
C THR B 123 -19.03 47.26 -15.09
N VAL B 124 -19.85 46.65 -15.95
CA VAL B 124 -19.73 46.77 -17.40
C VAL B 124 -21.01 47.40 -17.94
N SER B 125 -20.84 48.41 -18.78
CA SER B 125 -21.99 49.08 -19.38
C SER B 125 -22.73 48.15 -20.33
N SER B 126 -24.05 48.29 -20.37
CA SER B 126 -24.89 47.47 -21.23
C SER B 126 -25.75 48.33 -22.15
#